data_8I2F
#
_entry.id   8I2F
#
_cell.length_a   60.830
_cell.length_b   74.640
_cell.length_c   153.080
_cell.angle_alpha   90.00
_cell.angle_beta   90.00
_cell.angle_gamma   90.00
#
_symmetry.space_group_name_H-M   'P 21 21 21'
#
loop_
_entity.id
_entity.type
_entity.pdbx_description
1 polymer 'Uncharacterized protein YoeB'
2 polymer 'Probable peptidoglycan endopeptidase LytE'
3 water water
#
loop_
_entity_poly.entity_id
_entity_poly.type
_entity_poly.pdbx_seq_one_letter_code
_entity_poly.pdbx_strand_id
1 'polypeptide(L)'
;GSKNTSGDLSQKQALQLALSAREHFWNTMSGHNPKVKKAVCPSGTFEYQNLQYVYMCSDLGTKAKAVNYLTPIFTKTAIE
KGFKDYHFTVSKGKLAVPIGDGDNLLNWKKSTAKLISKKGSTITYEFTVPTLDGSPSAKRKVTFVKENKKWKVNQFDAVI
;
A,C
2 'polypeptide(L)'
;GSSTSLNVSKLVSDAKALVGTPYKWGGTTTSGFDCSGFIWYVLNKQTSVGRTSTAGYWSSMKSIASPSVGDFVFFTTYKS
GPSHMGIYIGNNSFIHAGSDGVQISSLNNSYWKPRYLGAKRF
;
B,D
#
# COMPACT_ATOMS: atom_id res chain seq x y z
N ASP A 8 8.83 30.11 26.55
CA ASP A 8 9.70 28.95 26.50
C ASP A 8 9.10 27.71 25.80
N LEU A 9 8.36 27.91 24.69
CA LEU A 9 7.98 26.80 23.81
C LEU A 9 8.49 27.08 22.40
N SER A 10 9.56 26.39 22.01
CA SER A 10 10.16 26.57 20.69
C SER A 10 9.36 25.84 19.63
N GLN A 11 9.68 26.14 18.36
CA GLN A 11 9.06 25.41 17.26
C GLN A 11 9.30 23.91 17.38
N LYS A 12 10.54 23.53 17.72
CA LYS A 12 10.86 22.12 17.91
C LYS A 12 10.02 21.51 19.02
N GLN A 13 9.90 22.23 20.14
CA GLN A 13 9.13 21.72 21.28
C GLN A 13 7.65 21.63 20.95
N ALA A 14 7.14 22.64 20.25
CA ALA A 14 5.73 22.68 19.88
C ALA A 14 5.38 21.50 18.98
N LEU A 15 6.28 21.15 18.05
CA LEU A 15 5.98 20.01 17.18
C LEU A 15 5.93 18.72 17.97
N GLN A 16 6.85 18.52 18.91
CA GLN A 16 6.80 17.30 19.69
C GLN A 16 5.54 17.23 20.53
N LEU A 17 5.08 18.39 21.03
CA LEU A 17 3.82 18.44 21.76
C LEU A 17 2.63 18.13 20.86
N ALA A 18 2.58 18.79 19.70
CA ALA A 18 1.53 18.50 18.72
C ALA A 18 1.48 17.01 18.38
N LEU A 19 2.64 16.38 18.22
CA LEU A 19 2.66 14.97 17.89
C LEU A 19 2.09 14.14 19.04
N SER A 20 2.34 14.56 20.27
CA SER A 20 1.75 13.84 21.41
C SER A 20 0.25 14.06 21.47
N ALA A 21 -0.21 15.30 21.22
CA ALA A 21 -1.63 15.57 21.08
C ALA A 21 -2.27 14.66 20.04
N ARG A 22 -1.63 14.56 18.87
CA ARG A 22 -2.16 13.70 17.81
C ARG A 22 -2.33 12.26 18.27
N GLU A 23 -1.30 11.71 18.91
CA GLU A 23 -1.37 10.34 19.40
C GLU A 23 -2.51 10.17 20.40
N HIS A 24 -2.66 11.12 21.33
CA HIS A 24 -3.70 10.99 22.34
C HIS A 24 -5.09 11.15 21.72
N PHE A 25 -5.23 12.06 20.76
CA PHE A 25 -6.51 12.22 20.06
C PHE A 25 -6.88 10.97 19.29
N TRP A 26 -5.93 10.43 18.52
CA TRP A 26 -6.13 9.19 17.79
C TRP A 26 -6.53 8.04 18.72
N ASN A 27 -5.79 7.87 19.81
CA ASN A 27 -6.10 6.75 20.70
C ASN A 27 -7.49 6.91 21.31
N THR A 28 -7.85 8.12 21.68
CA THR A 28 -9.14 8.35 22.31
C THR A 28 -10.27 8.10 21.32
N MET A 29 -10.20 8.75 20.14
CA MET A 29 -11.22 8.52 19.13
C MET A 29 -11.27 7.06 18.70
N SER A 30 -10.15 6.35 18.79
CA SER A 30 -10.11 4.92 18.45
C SER A 30 -10.52 4.03 19.60
N GLY A 31 -10.79 4.59 20.78
CA GLY A 31 -11.38 3.84 21.87
C GLY A 31 -10.41 3.16 22.81
N HIS A 32 -9.10 3.30 22.60
CA HIS A 32 -8.14 2.47 23.32
C HIS A 32 -6.74 3.07 23.26
N ASN A 33 -6.09 3.18 24.43
CA ASN A 33 -4.65 3.44 24.56
C ASN A 33 -3.94 2.11 24.35
N PRO A 34 -3.31 1.90 23.19
CA PRO A 34 -2.72 0.58 22.89
C PRO A 34 -1.65 0.12 23.89
N LYS A 35 -1.16 1.01 24.77
CA LYS A 35 -0.21 0.62 25.80
C LYS A 35 -0.86 -0.23 26.90
N VAL A 36 -2.18 -0.13 27.08
CA VAL A 36 -2.87 -0.87 28.15
C VAL A 36 -3.27 -2.22 27.55
N LYS A 37 -2.40 -3.23 27.73
CA LYS A 37 -2.65 -4.53 27.12
C LYS A 37 -3.75 -5.32 27.81
N LYS A 38 -4.07 -4.99 29.06
CA LYS A 38 -5.12 -5.71 29.79
C LYS A 38 -6.53 -5.31 29.38
N ALA A 39 -6.67 -4.28 28.54
CA ALA A 39 -7.98 -3.69 28.31
C ALA A 39 -8.93 -4.68 27.65
N VAL A 40 -10.22 -4.51 27.92
CA VAL A 40 -11.27 -5.22 27.20
C VAL A 40 -12.11 -4.21 26.45
N CYS A 41 -12.49 -4.55 25.22
CA CYS A 41 -13.23 -3.65 24.37
C CYS A 41 -14.67 -4.14 24.22
N PRO A 42 -15.62 -3.58 24.98
CA PRO A 42 -17.01 -4.03 24.88
C PRO A 42 -17.51 -3.97 23.44
N SER A 43 -18.12 -5.08 23.01
CA SER A 43 -18.57 -5.17 21.64
C SER A 43 -19.99 -4.63 21.52
N GLY A 44 -20.45 -4.48 20.30
CA GLY A 44 -21.83 -4.06 20.20
C GLY A 44 -21.97 -2.58 19.84
N THR A 45 -23.10 -2.25 19.24
CA THR A 45 -23.35 -0.90 18.78
C THR A 45 -24.79 -0.56 19.11
N PHE A 46 -25.06 0.74 19.19
CA PHE A 46 -26.42 1.19 19.44
C PHE A 46 -26.59 2.53 18.74
N GLU A 47 -27.85 2.92 18.54
CA GLU A 47 -28.18 4.20 17.94
C GLU A 47 -28.64 5.16 19.03
N TYR A 48 -28.10 6.38 19.01
CA TYR A 48 -28.50 7.39 19.97
C TYR A 48 -28.43 8.72 19.25
N GLN A 49 -29.52 9.49 19.33
CA GLN A 49 -29.62 10.80 18.72
C GLN A 49 -29.15 10.77 17.26
N ASN A 50 -29.63 9.78 16.52
CA ASN A 50 -29.42 9.63 15.08
C ASN A 50 -27.97 9.39 14.72
N LEU A 51 -27.17 8.91 15.66
CA LEU A 51 -25.80 8.47 15.39
C LEU A 51 -25.63 7.03 15.85
N GLN A 52 -24.68 6.32 15.23
CA GLN A 52 -24.32 4.95 15.60
C GLN A 52 -23.12 5.01 16.52
N TYR A 53 -23.20 4.32 17.66
CA TYR A 53 -22.19 4.40 18.70
C TYR A 53 -21.48 3.07 18.89
N VAL A 54 -20.21 3.12 19.31
CA VAL A 54 -19.52 1.92 19.80
C VAL A 54 -18.97 2.27 21.18
N TYR A 55 -18.60 1.24 21.93
CA TYR A 55 -18.13 1.46 23.29
C TYR A 55 -16.63 1.69 23.28
N MET A 56 -16.19 2.62 24.12
CA MET A 56 -14.78 2.77 24.41
C MET A 56 -14.26 1.46 25.01
N CYS A 57 -12.98 1.14 24.77
CA CYS A 57 -12.41 0.03 25.52
C CYS A 57 -12.30 0.41 27.00
N SER A 58 -12.10 -0.62 27.84
CA SER A 58 -12.24 -0.44 29.27
C SER A 58 -11.25 0.59 29.82
N ASP A 59 -10.03 0.64 29.26
CA ASP A 59 -9.03 1.59 29.75
C ASP A 59 -9.46 3.03 29.51
N LEU A 60 -10.43 3.26 28.64
CA LEU A 60 -11.02 4.57 28.47
C LEU A 60 -12.52 4.50 28.66
N GLY A 61 -12.97 3.59 29.55
CA GLY A 61 -14.37 3.22 29.69
C GLY A 61 -15.25 4.22 30.41
N THR A 62 -14.68 5.26 31.03
CA THR A 62 -15.44 6.28 31.74
C THR A 62 -14.85 7.64 31.39
N LYS A 63 -15.62 8.70 31.65
CA LYS A 63 -15.10 10.05 31.43
C LYS A 63 -13.86 10.32 32.27
N ALA A 64 -13.86 9.83 33.52
CA ALA A 64 -12.70 10.06 34.38
C ALA A 64 -11.45 9.40 33.81
N LYS A 65 -11.57 8.16 33.33
CA LYS A 65 -10.41 7.50 32.73
C LYS A 65 -9.94 8.26 31.49
N ALA A 66 -10.88 8.70 30.65
CA ALA A 66 -10.51 9.51 29.48
C ALA A 66 -9.84 10.81 29.91
N VAL A 67 -10.46 11.54 30.86
CA VAL A 67 -9.87 12.79 31.33
C VAL A 67 -8.45 12.54 31.84
N ASN A 68 -8.28 11.47 32.62
CA ASN A 68 -6.95 11.22 33.20
C ASN A 68 -5.95 10.82 32.13
N TYR A 69 -6.38 10.13 31.08
CA TYR A 69 -5.48 9.86 29.97
C TYR A 69 -5.06 11.15 29.28
N LEU A 70 -6.00 12.06 29.07
CA LEU A 70 -5.77 13.25 28.25
C LEU A 70 -5.16 14.41 29.01
N THR A 71 -5.30 14.44 30.34
CA THR A 71 -4.87 15.61 31.10
C THR A 71 -3.41 16.00 30.91
N PRO A 72 -2.44 15.08 30.75
CA PRO A 72 -1.06 15.53 30.55
C PRO A 72 -0.86 16.40 29.32
N ILE A 73 -1.73 16.31 28.32
CA ILE A 73 -1.44 16.84 26.99
C ILE A 73 -2.44 17.91 26.58
N PHE A 74 -3.67 17.82 27.06
CA PHE A 74 -4.74 18.73 26.69
C PHE A 74 -5.21 19.52 27.92
N THR A 75 -5.63 20.76 27.69
CA THR A 75 -6.18 21.56 28.77
C THR A 75 -7.55 21.04 29.16
N LYS A 76 -8.00 21.44 30.36
CA LYS A 76 -9.25 20.93 30.91
C LYS A 76 -10.42 21.25 29.99
N THR A 77 -10.47 22.49 29.50
CA THR A 77 -11.58 22.88 28.62
C THR A 77 -11.43 22.25 27.24
N ALA A 78 -10.21 22.02 26.77
CA ALA A 78 -10.02 21.28 25.52
C ALA A 78 -10.66 19.90 25.61
N ILE A 79 -10.50 19.23 26.75
CA ILE A 79 -11.04 17.88 26.91
C ILE A 79 -12.57 17.91 26.94
N GLU A 80 -13.14 18.82 27.74
CA GLU A 80 -14.59 18.91 27.83
C GLU A 80 -15.22 19.27 26.49
N LYS A 81 -14.60 20.21 25.78
CA LYS A 81 -15.09 20.54 24.45
C LYS A 81 -14.91 19.38 23.47
N GLY A 82 -13.85 18.59 23.65
CA GLY A 82 -13.69 17.40 22.82
C GLY A 82 -14.83 16.42 23.02
N PHE A 83 -15.20 16.16 24.27
CA PHE A 83 -16.33 15.29 24.55
C PHE A 83 -17.59 15.80 23.86
N LYS A 84 -17.83 17.11 23.95
CA LYS A 84 -19.01 17.70 23.34
C LYS A 84 -18.94 17.64 21.82
N ASP A 85 -17.81 18.08 21.25
CA ASP A 85 -17.66 18.16 19.81
C ASP A 85 -17.84 16.81 19.13
N TYR A 86 -17.44 15.73 19.79
CA TYR A 86 -17.46 14.40 19.19
C TYR A 86 -18.60 13.54 19.74
N HIS A 87 -19.54 14.16 20.46
CA HIS A 87 -20.80 13.53 20.84
C HIS A 87 -20.59 12.29 21.70
N PHE A 88 -19.58 12.34 22.56
CA PHE A 88 -19.36 11.25 23.52
C PHE A 88 -20.59 11.14 24.43
N THR A 89 -20.96 9.90 24.75
CA THR A 89 -22.08 9.66 25.63
C THR A 89 -21.72 8.52 26.57
N VAL A 90 -22.41 8.47 27.70
CA VAL A 90 -22.24 7.38 28.66
C VAL A 90 -23.53 6.55 28.60
N SER A 91 -23.40 5.30 28.18
CA SER A 91 -24.53 4.40 28.08
C SER A 91 -24.29 3.23 29.02
N LYS A 92 -25.22 3.04 29.97
CA LYS A 92 -25.12 1.95 30.94
C LYS A 92 -23.81 2.04 31.71
N GLY A 93 -23.40 3.26 32.06
CA GLY A 93 -22.14 3.49 32.75
C GLY A 93 -20.89 3.34 31.90
N LYS A 94 -21.01 3.07 30.61
CA LYS A 94 -19.84 2.86 29.76
C LYS A 94 -19.72 4.02 28.78
N LEU A 95 -18.53 4.62 28.71
CA LEU A 95 -18.27 5.68 27.75
C LEU A 95 -18.35 5.11 26.33
N ALA A 96 -19.03 5.86 25.45
CA ALA A 96 -19.28 5.45 24.07
C ALA A 96 -19.00 6.61 23.13
N VAL A 97 -18.62 6.28 21.90
CA VAL A 97 -18.26 7.27 20.89
C VAL A 97 -18.94 6.90 19.58
N PRO A 98 -19.38 7.87 18.77
CA PRO A 98 -19.93 7.52 17.45
C PRO A 98 -18.90 6.78 16.61
N ILE A 99 -19.40 5.90 15.76
CA ILE A 99 -18.55 5.24 14.78
C ILE A 99 -17.83 6.30 13.96
N GLY A 100 -16.55 6.06 13.66
CA GLY A 100 -15.80 6.95 12.82
C GLY A 100 -14.49 6.34 12.38
N ASP A 101 -13.88 6.97 11.38
CA ASP A 101 -12.60 6.53 10.85
C ASP A 101 -11.59 7.68 10.90
N GLY A 102 -10.43 7.41 11.45
CA GLY A 102 -9.34 8.36 11.36
C GLY A 102 -8.84 8.53 9.94
N ASP A 103 -7.90 9.45 9.79
CA ASP A 103 -7.31 9.71 8.48
C ASP A 103 -5.90 10.25 8.71
N ASN A 104 -4.88 9.51 8.26
CA ASN A 104 -3.49 9.87 8.54
C ASN A 104 -2.82 10.57 7.35
N LEU A 105 -3.59 11.22 6.48
CA LEU A 105 -2.97 11.84 5.30
C LEU A 105 -1.94 12.91 5.65
N LEU A 106 -2.14 13.63 6.74
CA LEU A 106 -1.21 14.71 7.07
C LEU A 106 0.02 14.13 7.75
N ASN A 107 1.19 14.37 7.13
CA ASN A 107 2.46 13.82 7.61
C ASN A 107 3.06 14.79 8.63
N TRP A 108 2.42 14.82 9.81
CA TRP A 108 2.73 15.83 10.83
C TRP A 108 4.20 15.85 11.23
N LYS A 109 4.85 14.69 11.22
CA LYS A 109 6.25 14.58 11.62
C LYS A 109 7.14 15.36 10.67
N LYS A 110 6.72 15.53 9.42
CA LYS A 110 7.50 16.28 8.45
C LYS A 110 7.05 17.73 8.30
N SER A 111 6.29 18.27 9.26
CA SER A 111 5.77 19.62 9.10
C SER A 111 6.78 20.67 9.55
N THR A 112 6.53 21.90 9.13
CA THR A 112 7.27 23.07 9.61
C THR A 112 6.28 24.01 10.30
N ALA A 113 6.80 24.86 11.17
CA ALA A 113 5.96 25.76 11.97
C ALA A 113 6.38 27.22 11.80
N LYS A 114 5.40 28.10 11.88
CA LYS A 114 5.61 29.54 11.96
C LYS A 114 4.91 30.07 13.21
N LEU A 115 5.56 30.99 13.90
CA LEU A 115 4.91 31.67 15.01
C LEU A 115 3.75 32.52 14.52
N ILE A 116 2.59 32.37 15.17
CA ILE A 116 1.41 33.18 14.90
C ILE A 116 1.29 34.29 15.94
N SER A 117 1.28 33.91 17.22
CA SER A 117 1.18 34.89 18.29
C SER A 117 1.61 34.24 19.59
N LYS A 118 1.95 35.09 20.55
CA LYS A 118 2.24 34.64 21.90
C LYS A 118 1.94 35.76 22.88
N LYS A 119 1.53 35.39 24.09
CA LYS A 119 1.25 36.34 25.16
C LYS A 119 1.18 35.54 26.44
N GLY A 120 1.97 35.93 27.42
CA GLY A 120 1.92 35.28 28.72
C GLY A 120 2.27 33.81 28.65
N SER A 121 1.30 32.96 28.98
CA SER A 121 1.47 31.51 28.95
C SER A 121 0.65 30.87 27.84
N THR A 122 0.48 31.58 26.72
CA THR A 122 -0.19 31.07 25.53
C THR A 122 0.66 31.39 24.31
N ILE A 123 0.72 30.45 23.37
CA ILE A 123 1.46 30.63 22.12
C ILE A 123 0.77 29.82 21.03
N THR A 124 0.67 30.42 19.84
CA THR A 124 0.05 29.78 18.69
C THR A 124 1.09 29.67 17.58
N TYR A 125 1.25 28.46 17.06
CA TYR A 125 2.08 28.18 15.90
C TYR A 125 1.19 27.71 14.76
N GLU A 126 1.55 28.07 13.54
CA GLU A 126 0.85 27.53 12.38
C GLU A 126 1.76 26.52 11.69
N PHE A 127 1.30 25.26 11.64
CA PHE A 127 2.06 24.20 11.01
C PHE A 127 1.65 24.05 9.56
N THR A 128 2.65 23.90 8.69
CA THR A 128 2.42 23.55 7.30
C THR A 128 2.79 22.06 7.19
N VAL A 129 1.79 21.24 6.92
CA VAL A 129 1.92 19.78 7.04
C VAL A 129 1.82 19.17 5.65
N PRO A 130 2.87 18.52 5.14
CA PRO A 130 2.74 17.85 3.84
C PRO A 130 1.84 16.64 3.96
N THR A 131 1.22 16.28 2.84
CA THR A 131 0.38 15.10 2.75
C THR A 131 1.20 13.88 2.31
N LEU A 132 0.67 12.69 2.61
CA LEU A 132 1.29 11.45 2.16
C LEU A 132 1.11 11.22 0.67
N ASP A 133 0.11 11.82 0.04
CA ASP A 133 -0.16 11.53 -1.35
C ASP A 133 0.22 12.68 -2.29
N GLY A 134 0.85 13.73 -1.77
CA GLY A 134 1.26 14.82 -2.62
C GLY A 134 0.16 15.83 -2.94
N SER A 135 -1.04 15.69 -2.38
CA SER A 135 -2.01 16.77 -2.47
C SER A 135 -1.47 17.98 -1.69
N PRO A 136 -2.03 19.17 -1.92
CA PRO A 136 -1.43 20.38 -1.33
C PRO A 136 -1.25 20.27 0.19
N SER A 137 -0.13 20.82 0.68
CA SER A 137 0.14 20.82 2.10
C SER A 137 -0.95 21.60 2.83
N ALA A 138 -1.16 21.26 4.10
CA ALA A 138 -2.26 21.81 4.88
C ALA A 138 -1.72 22.74 5.95
N LYS A 139 -2.44 23.85 6.17
CA LYS A 139 -2.15 24.76 7.27
C LYS A 139 -2.96 24.33 8.48
N ARG A 140 -2.29 24.15 9.61
CA ARG A 140 -2.98 23.75 10.84
C ARG A 140 -2.44 24.57 11.99
N LYS A 141 -3.29 25.42 12.58
CA LYS A 141 -2.87 26.19 13.74
C LYS A 141 -3.09 25.37 15.01
N VAL A 142 -2.15 25.48 15.93
CA VAL A 142 -2.25 24.82 17.23
C VAL A 142 -1.93 25.86 18.29
N THR A 143 -2.82 25.99 19.27
CA THR A 143 -2.61 26.93 20.36
C THR A 143 -2.21 26.14 21.59
N PHE A 144 -1.07 26.51 22.17
CA PHE A 144 -0.55 25.89 23.37
C PHE A 144 -0.76 26.83 24.56
N VAL A 145 -1.16 26.25 25.68
CA VAL A 145 -1.45 27.00 26.90
C VAL A 145 -0.73 26.30 28.05
N LYS A 146 -0.06 27.08 28.90
CA LYS A 146 0.54 26.50 30.10
C LYS A 146 -0.55 26.27 31.14
N GLU A 147 -0.76 25.01 31.50
CA GLU A 147 -1.75 24.59 32.49
C GLU A 147 -1.04 23.75 33.54
N ASN A 148 -1.24 24.08 34.81
CA ASN A 148 -0.50 23.45 35.91
C ASN A 148 1.00 23.49 35.64
N LYS A 149 1.48 24.65 35.15
CA LYS A 149 2.87 24.88 34.78
C LYS A 149 3.41 23.79 33.84
N LYS A 150 2.58 23.41 32.86
CA LYS A 150 2.93 22.48 31.80
C LYS A 150 2.33 22.98 30.50
N TRP A 151 3.07 22.88 29.41
CA TRP A 151 2.51 23.29 28.12
C TRP A 151 1.52 22.22 27.63
N LYS A 152 0.32 22.66 27.25
CA LYS A 152 -0.73 21.76 26.81
C LYS A 152 -1.40 22.34 25.58
N VAL A 153 -2.03 21.46 24.80
CA VAL A 153 -2.76 21.86 23.59
C VAL A 153 -4.18 22.22 24.00
N ASN A 154 -4.68 23.36 23.53
CA ASN A 154 -5.97 23.85 24.01
C ASN A 154 -7.14 23.41 23.14
N GLN A 155 -6.92 22.46 22.22
CA GLN A 155 -8.02 21.97 21.41
C GLN A 155 -7.79 20.50 21.10
N PHE A 156 -8.78 19.67 21.47
CA PHE A 156 -8.70 18.22 21.38
C PHE A 156 -8.27 17.75 19.98
N ASP A 157 -8.81 18.36 18.93
CA ASP A 157 -8.72 17.86 17.56
C ASP A 157 -7.89 18.77 16.66
N ALA A 158 -6.92 19.49 17.23
CA ALA A 158 -6.07 20.38 16.44
C ALA A 158 -5.02 19.64 15.63
N VAL A 159 -4.65 18.41 16.00
CA VAL A 159 -3.54 17.69 15.38
C VAL A 159 -4.04 16.29 15.01
N ILE A 160 -4.30 16.07 13.72
CA ILE A 160 -4.80 14.76 13.27
C ILE A 160 -3.96 14.19 12.14
N SER B 5 -28.59 -0.89 -7.98
CA SER B 5 -29.82 -0.60 -7.24
C SER B 5 -29.96 0.91 -6.97
N LEU B 6 -28.82 1.58 -6.83
CA LEU B 6 -28.79 3.01 -6.61
C LEU B 6 -28.99 3.77 -7.91
N ASN B 7 -29.20 5.08 -7.79
CA ASN B 7 -29.05 5.98 -8.92
C ASN B 7 -27.60 6.44 -8.92
N VAL B 8 -26.79 5.89 -9.82
CA VAL B 8 -25.36 6.17 -9.84
C VAL B 8 -25.10 7.62 -10.21
N SER B 9 -25.86 8.14 -11.17
CA SER B 9 -25.69 9.54 -11.57
C SER B 9 -25.92 10.49 -10.41
N LYS B 10 -27.01 10.28 -9.66
CA LYS B 10 -27.26 11.13 -8.50
C LYS B 10 -26.15 10.96 -7.46
N LEU B 11 -25.76 9.72 -7.19
CA LEU B 11 -24.75 9.46 -6.16
C LEU B 11 -23.46 10.21 -6.46
N VAL B 12 -22.98 10.10 -7.70
CA VAL B 12 -21.75 10.79 -8.06
C VAL B 12 -21.96 12.30 -8.04
N SER B 13 -23.12 12.76 -8.53
CA SER B 13 -23.41 14.18 -8.52
C SER B 13 -23.43 14.74 -7.10
N ASP B 14 -24.11 14.03 -6.19
CA ASP B 14 -24.18 14.48 -4.80
C ASP B 14 -22.80 14.48 -4.14
N ALA B 15 -21.96 13.52 -4.49
CA ALA B 15 -20.62 13.48 -3.91
C ALA B 15 -19.80 14.68 -4.38
N LYS B 16 -19.81 14.94 -5.70
CA LYS B 16 -19.03 16.06 -6.26
C LYS B 16 -19.44 17.38 -5.67
N ALA B 17 -20.75 17.57 -5.42
CA ALA B 17 -21.23 18.82 -4.84
C ALA B 17 -20.65 19.09 -3.47
N LEU B 18 -20.03 18.10 -2.84
CA LEU B 18 -19.48 18.23 -1.49
C LEU B 18 -17.97 18.42 -1.48
N VAL B 19 -17.35 18.55 -2.65
CA VAL B 19 -15.90 18.76 -2.71
C VAL B 19 -15.54 19.96 -1.85
N GLY B 20 -14.49 19.81 -1.03
CA GLY B 20 -14.10 20.87 -0.13
C GLY B 20 -14.67 20.77 1.27
N THR B 21 -15.66 19.92 1.51
CA THR B 21 -16.16 19.77 2.87
C THR B 21 -15.00 19.29 3.75
N PRO B 22 -14.70 19.96 4.86
CA PRO B 22 -13.56 19.56 5.70
C PRO B 22 -13.79 18.21 6.38
N TYR B 23 -12.70 17.72 6.96
CA TYR B 23 -12.69 16.46 7.69
C TYR B 23 -13.24 16.63 9.11
N LYS B 24 -13.90 15.59 9.60
CA LYS B 24 -14.12 15.45 11.04
C LYS B 24 -14.22 13.98 11.34
N TRP B 25 -13.46 13.55 12.35
CA TRP B 25 -13.51 12.15 12.76
C TRP B 25 -14.93 11.81 13.21
N GLY B 26 -15.50 10.76 12.63
CA GLY B 26 -16.88 10.41 12.87
C GLY B 26 -17.88 11.26 12.13
N GLY B 27 -17.43 12.17 11.28
CA GLY B 27 -18.29 13.20 10.74
C GLY B 27 -19.29 12.66 9.74
N THR B 28 -20.56 13.07 9.91
CA THR B 28 -21.66 12.67 9.05
C THR B 28 -22.47 13.84 8.52
N THR B 29 -21.98 15.07 8.63
CA THR B 29 -22.74 16.25 8.23
C THR B 29 -21.88 17.11 7.32
N THR B 30 -22.51 18.08 6.66
CA THR B 30 -21.75 19.00 5.80
C THR B 30 -20.84 19.92 6.59
N SER B 31 -20.85 19.87 7.92
CA SER B 31 -19.83 20.59 8.64
C SER B 31 -18.55 19.76 8.82
N GLY B 32 -18.58 18.46 8.51
CA GLY B 32 -17.35 17.70 8.49
C GLY B 32 -17.60 16.22 8.28
N PHE B 33 -16.85 15.58 7.37
CA PHE B 33 -17.01 14.16 7.05
C PHE B 33 -15.73 13.41 7.37
N ASP B 34 -15.87 12.15 7.78
CA ASP B 34 -14.77 11.21 7.61
C ASP B 34 -15.09 10.35 6.39
N CYS B 35 -14.17 9.45 6.02
CA CYS B 35 -14.33 8.79 4.72
C CYS B 35 -15.59 7.93 4.67
N SER B 36 -15.90 7.20 5.74
CA SER B 36 -17.12 6.38 5.77
C SER B 36 -18.38 7.21 6.03
N GLY B 37 -18.28 8.28 6.81
CA GLY B 37 -19.44 9.14 7.02
C GLY B 37 -19.88 9.86 5.77
N PHE B 38 -18.93 10.24 4.93
CA PHE B 38 -19.25 10.80 3.62
C PHE B 38 -20.04 9.82 2.76
N ILE B 39 -19.54 8.58 2.65
CA ILE B 39 -20.24 7.54 1.90
C ILE B 39 -21.65 7.34 2.45
N TRP B 40 -21.77 7.16 3.76
CA TRP B 40 -23.09 7.01 4.36
C TRP B 40 -23.99 8.17 4.01
N TYR B 41 -23.46 9.40 4.11
CA TYR B 41 -24.28 10.60 3.93
C TYR B 41 -24.84 10.67 2.52
N VAL B 42 -24.01 10.36 1.52
CA VAL B 42 -24.46 10.40 0.13
C VAL B 42 -25.41 9.23 -0.17
N LEU B 43 -25.12 8.06 0.39
CA LEU B 43 -26.04 6.93 0.19
C LEU B 43 -27.41 7.19 0.83
N ASN B 44 -27.42 7.80 2.01
CA ASN B 44 -28.66 8.05 2.72
C ASN B 44 -29.58 9.04 2.01
N LYS B 45 -29.08 9.74 1.00
CA LYS B 45 -29.96 10.60 0.21
C LYS B 45 -30.92 9.79 -0.67
N GLN B 46 -30.60 8.53 -0.97
CA GLN B 46 -31.43 7.71 -1.85
C GLN B 46 -32.00 6.47 -1.22
N THR B 47 -31.45 5.99 -0.12
CA THR B 47 -31.85 4.70 0.41
C THR B 47 -31.54 4.67 1.89
N SER B 48 -31.96 3.60 2.53
CA SER B 48 -31.64 3.38 3.93
C SER B 48 -30.38 2.53 4.00
N VAL B 49 -29.44 2.98 4.83
CA VAL B 49 -28.19 2.25 4.99
C VAL B 49 -27.62 2.60 6.36
N GLY B 50 -27.26 1.57 7.13
CA GLY B 50 -26.66 1.80 8.41
C GLY B 50 -25.31 2.50 8.25
N ARG B 51 -25.05 3.44 9.14
CA ARG B 51 -23.75 4.09 9.23
C ARG B 51 -22.80 3.17 9.96
N THR B 52 -21.80 2.68 9.25
CA THR B 52 -20.73 1.86 9.83
C THR B 52 -19.39 2.47 9.42
N SER B 53 -18.33 1.87 9.92
CA SER B 53 -16.97 2.27 9.54
C SER B 53 -16.65 1.72 8.14
N THR B 54 -15.48 2.12 7.63
CA THR B 54 -15.02 1.61 6.33
C THR B 54 -14.91 0.10 6.33
N ALA B 55 -14.37 -0.49 7.41
CA ALA B 55 -14.31 -1.95 7.46
C ALA B 55 -15.72 -2.54 7.43
N GLY B 56 -16.69 -1.84 8.05
CA GLY B 56 -18.07 -2.29 7.96
C GLY B 56 -18.59 -2.34 6.54
N TYR B 57 -18.30 -1.30 5.74
CA TYR B 57 -18.75 -1.33 4.35
C TYR B 57 -17.98 -2.38 3.54
N TRP B 58 -16.70 -2.58 3.85
CA TRP B 58 -15.95 -3.65 3.16
C TRP B 58 -16.65 -5.00 3.34
N SER B 59 -17.20 -5.24 4.52
CA SER B 59 -17.84 -6.51 4.83
C SER B 59 -19.26 -6.58 4.27
N SER B 60 -20.02 -5.48 4.36
CA SER B 60 -21.43 -5.52 4.04
C SER B 60 -21.71 -5.32 2.55
N MET B 61 -20.85 -4.63 1.83
CA MET B 61 -21.06 -4.41 0.41
C MET B 61 -20.71 -5.67 -0.39
N LYS B 62 -21.02 -5.65 -1.69
CA LYS B 62 -20.90 -6.83 -2.55
C LYS B 62 -19.56 -6.86 -3.27
N SER B 63 -18.91 -8.02 -3.27
CA SER B 63 -17.62 -8.13 -3.95
C SER B 63 -17.79 -7.99 -5.46
N ILE B 64 -16.90 -7.22 -6.07
CA ILE B 64 -16.81 -7.09 -7.52
C ILE B 64 -15.33 -7.06 -7.88
N ALA B 65 -15.00 -7.48 -9.10
CA ALA B 65 -13.59 -7.64 -9.47
C ALA B 65 -12.95 -6.34 -9.94
N SER B 66 -13.74 -5.39 -10.43
CA SER B 66 -13.25 -4.05 -10.76
C SER B 66 -14.40 -3.09 -10.59
N PRO B 67 -14.13 -1.81 -10.27
CA PRO B 67 -15.22 -0.86 -10.01
C PRO B 67 -15.80 -0.28 -11.29
N SER B 68 -17.12 -0.15 -11.30
CA SER B 68 -17.82 0.73 -12.24
C SER B 68 -18.11 2.05 -11.55
N VAL B 69 -18.47 3.05 -12.34
CA VAL B 69 -18.87 4.34 -11.77
C VAL B 69 -19.96 4.10 -10.74
N GLY B 70 -19.85 4.75 -9.59
CA GLY B 70 -20.78 4.54 -8.49
C GLY B 70 -20.41 3.43 -7.52
N ASP B 71 -19.40 2.62 -7.84
CA ASP B 71 -18.93 1.62 -6.89
C ASP B 71 -17.95 2.27 -5.92
N PHE B 72 -17.51 1.49 -4.93
CA PHE B 72 -16.70 2.02 -3.84
C PHE B 72 -15.32 1.37 -3.84
N VAL B 73 -14.30 2.18 -3.60
CA VAL B 73 -12.92 1.73 -3.63
C VAL B 73 -12.35 1.89 -2.23
N PHE B 74 -11.44 0.98 -1.89
CA PHE B 74 -10.98 0.82 -0.52
C PHE B 74 -9.45 0.75 -0.50
N PHE B 75 -8.87 1.31 0.56
CA PHE B 75 -7.44 1.45 0.68
C PHE B 75 -7.03 1.09 2.09
N THR B 76 -5.78 0.62 2.23
CA THR B 76 -5.17 0.46 3.53
C THR B 76 -4.24 1.66 3.79
N THR B 77 -4.48 2.35 4.91
CA THR B 77 -3.69 3.55 5.19
C THR B 77 -3.08 3.45 6.59
N TYR B 78 -3.80 3.88 7.62
CA TYR B 78 -3.18 3.92 8.95
C TYR B 78 -3.19 2.57 9.65
N LYS B 79 -3.99 1.61 9.19
CA LYS B 79 -3.95 0.25 9.72
C LYS B 79 -4.09 -0.73 8.56
N SER B 80 -3.73 -1.99 8.84
CA SER B 80 -3.87 -3.05 7.86
C SER B 80 -5.34 -3.30 7.54
N GLY B 81 -5.60 -3.71 6.30
CA GLY B 81 -6.97 -3.91 5.86
C GLY B 81 -7.62 -2.59 5.51
N PRO B 82 -8.90 -2.62 5.15
CA PRO B 82 -9.57 -1.40 4.68
C PRO B 82 -9.67 -0.37 5.80
N SER B 83 -9.07 0.81 5.58
CA SER B 83 -9.15 1.91 6.53
C SER B 83 -9.51 3.23 5.86
N HIS B 84 -9.71 3.25 4.55
CA HIS B 84 -10.09 4.45 3.81
C HIS B 84 -10.92 3.99 2.63
N MET B 85 -11.93 4.79 2.26
CA MET B 85 -12.73 4.45 1.10
C MET B 85 -13.19 5.73 0.41
N GLY B 86 -13.67 5.57 -0.82
CA GLY B 86 -14.19 6.61 -1.68
C GLY B 86 -15.14 6.01 -2.69
N ILE B 87 -15.68 6.87 -3.54
CA ILE B 87 -16.59 6.46 -4.61
C ILE B 87 -15.82 6.51 -5.92
N TYR B 88 -15.83 5.42 -6.68
CA TYR B 88 -15.23 5.46 -8.01
C TYR B 88 -16.10 6.31 -8.94
N ILE B 89 -15.50 7.32 -9.56
CA ILE B 89 -16.23 8.21 -10.46
C ILE B 89 -15.80 8.02 -11.91
N GLY B 90 -14.97 7.03 -12.20
CA GLY B 90 -14.51 6.78 -13.55
C GLY B 90 -13.23 7.52 -13.86
N ASN B 91 -12.66 7.19 -15.02
CA ASN B 91 -11.41 7.82 -15.48
C ASN B 91 -10.30 7.60 -14.47
N ASN B 92 -10.33 6.42 -13.85
CA ASN B 92 -9.34 6.03 -12.85
C ASN B 92 -9.31 6.97 -11.66
N SER B 93 -10.43 7.62 -11.34
CA SER B 93 -10.49 8.61 -10.28
C SER B 93 -11.56 8.23 -9.26
N PHE B 94 -11.39 8.75 -8.04
CA PHE B 94 -12.34 8.48 -6.97
C PHE B 94 -12.46 9.72 -6.12
N ILE B 95 -13.65 9.91 -5.55
CA ILE B 95 -13.92 11.04 -4.67
C ILE B 95 -14.02 10.50 -3.25
N HIS B 96 -13.45 11.25 -2.30
CA HIS B 96 -13.35 10.72 -0.95
C HIS B 96 -13.19 11.89 0.02
N ALA B 97 -13.68 11.69 1.24
CA ALA B 97 -13.50 12.66 2.31
C ALA B 97 -12.17 12.38 3.00
N GLY B 98 -11.29 13.37 3.04
CA GLY B 98 -9.95 13.18 3.55
C GLY B 98 -9.65 14.21 4.63
N SER B 99 -8.48 14.01 5.26
CA SER B 99 -8.06 14.87 6.36
C SER B 99 -8.08 16.35 5.99
N ASP B 100 -7.83 16.69 4.73
CA ASP B 100 -7.90 18.07 4.28
C ASP B 100 -9.06 18.29 3.32
N GLY B 101 -10.11 17.49 3.43
CA GLY B 101 -11.33 17.84 2.72
C GLY B 101 -11.71 16.82 1.68
N VAL B 102 -13.00 16.83 1.34
CA VAL B 102 -13.51 16.01 0.26
C VAL B 102 -12.84 16.42 -1.03
N GLN B 103 -12.34 15.43 -1.78
CA GLN B 103 -11.34 15.61 -2.81
C GLN B 103 -11.54 14.55 -3.88
N ILE B 104 -11.07 14.84 -5.08
CA ILE B 104 -10.99 13.84 -6.13
C ILE B 104 -9.53 13.46 -6.28
N SER B 105 -9.25 12.15 -6.28
CA SER B 105 -7.88 11.64 -6.35
C SER B 105 -7.80 10.56 -7.42
N SER B 106 -6.59 10.20 -7.78
CA SER B 106 -6.38 9.20 -8.83
C SER B 106 -5.95 7.88 -8.24
N LEU B 107 -6.49 6.79 -8.79
CA LEU B 107 -5.99 5.47 -8.44
C LEU B 107 -4.56 5.23 -8.90
N ASN B 108 -4.05 6.05 -9.84
CA ASN B 108 -2.64 5.96 -10.25
C ASN B 108 -1.71 6.78 -9.37
N ASN B 109 -2.25 7.54 -8.41
CA ASN B 109 -1.41 8.28 -7.49
C ASN B 109 -0.42 7.32 -6.81
N SER B 110 0.83 7.77 -6.70
CA SER B 110 1.88 6.85 -6.25
C SER B 110 1.69 6.40 -4.80
N TYR B 111 0.89 7.14 -4.02
CA TYR B 111 0.55 6.72 -2.67
C TYR B 111 -0.68 5.80 -2.65
N TRP B 112 -1.74 6.16 -3.37
CA TRP B 112 -2.97 5.39 -3.31
C TRP B 112 -2.84 4.06 -4.05
N LYS B 113 -2.11 4.05 -5.17
CA LYS B 113 -2.10 2.85 -6.01
C LYS B 113 -1.67 1.59 -5.27
N PRO B 114 -0.50 1.55 -4.61
CA PRO B 114 -0.09 0.29 -3.95
C PRO B 114 -0.91 -0.02 -2.72
N ARG B 115 -1.81 0.88 -2.30
CA ARG B 115 -2.64 0.71 -1.13
C ARG B 115 -4.07 0.36 -1.48
N TYR B 116 -4.39 0.30 -2.77
CA TYR B 116 -5.73 -0.03 -3.24
C TYR B 116 -6.02 -1.50 -2.97
N LEU B 117 -7.05 -1.78 -2.17
CA LEU B 117 -7.36 -3.15 -1.78
C LEU B 117 -8.38 -3.81 -2.70
N GLY B 118 -9.24 -3.04 -3.33
CA GLY B 118 -10.30 -3.62 -4.12
C GLY B 118 -11.52 -2.71 -4.10
N ALA B 119 -12.59 -3.20 -4.74
CA ALA B 119 -13.82 -2.46 -4.89
C ALA B 119 -15.01 -3.29 -4.43
N LYS B 120 -16.10 -2.60 -4.06
CA LYS B 120 -17.33 -3.25 -3.66
C LYS B 120 -18.50 -2.49 -4.27
N ARG B 121 -19.62 -3.18 -4.43
CA ARG B 121 -20.85 -2.59 -4.95
C ARG B 121 -21.88 -2.55 -3.85
N PHE B 122 -22.59 -1.42 -3.72
CA PHE B 122 -23.65 -1.32 -2.73
C PHE B 122 -24.82 -2.22 -3.12
N ASP C 8 8.40 0.86 -39.79
CA ASP C 8 6.97 0.94 -39.47
C ASP C 8 6.50 -0.30 -38.69
N LEU C 9 5.87 -0.08 -37.54
CA LEU C 9 5.58 -1.17 -36.61
C LEU C 9 4.20 -0.97 -36.01
N SER C 10 3.33 -1.97 -36.18
CA SER C 10 1.95 -1.86 -35.73
C SER C 10 1.84 -1.97 -34.21
N GLN C 11 0.70 -1.52 -33.68
CA GLN C 11 0.31 -1.88 -32.32
C GLN C 11 0.32 -3.39 -32.15
N LYS C 12 -0.37 -4.09 -33.06
CA LYS C 12 -0.39 -5.55 -33.05
C LYS C 12 1.02 -6.12 -33.14
N GLN C 13 1.86 -5.53 -34.00
CA GLN C 13 3.24 -6.02 -34.14
C GLN C 13 4.04 -5.77 -32.87
N ALA C 14 3.87 -4.59 -32.25
CA ALA C 14 4.63 -4.28 -31.06
C ALA C 14 4.28 -5.21 -29.90
N LEU C 15 3.01 -5.60 -29.79
CA LEU C 15 2.61 -6.51 -28.72
C LEU C 15 3.22 -7.89 -28.90
N GLN C 16 3.25 -8.38 -30.15
CA GLN C 16 3.89 -9.67 -30.40
C GLN C 16 5.36 -9.63 -30.06
N LEU C 17 6.06 -8.57 -30.46
CA LEU C 17 7.46 -8.43 -30.09
C LEU C 17 7.64 -8.32 -28.58
N ALA C 18 6.77 -7.56 -27.91
CA ALA C 18 6.87 -7.43 -26.46
C ALA C 18 6.64 -8.77 -25.77
N LEU C 19 5.67 -9.55 -26.23
CA LEU C 19 5.42 -10.86 -25.64
C LEU C 19 6.61 -11.79 -25.87
N SER C 20 7.24 -11.69 -27.04
CA SER C 20 8.43 -12.47 -27.30
C SER C 20 9.58 -12.03 -26.39
N ALA C 21 9.75 -10.71 -26.23
CA ALA C 21 10.79 -10.21 -25.33
C ALA C 21 10.57 -10.72 -23.91
N ARG C 22 9.31 -10.72 -23.47
CA ARG C 22 8.96 -11.19 -22.13
C ARG C 22 9.39 -12.64 -21.94
N GLU C 23 9.03 -13.50 -22.90
CA GLU C 23 9.37 -14.91 -22.79
C GLU C 23 10.88 -15.11 -22.71
N HIS C 24 11.64 -14.41 -23.56
CA HIS C 24 13.10 -14.54 -23.55
C HIS C 24 13.70 -13.99 -22.27
N PHE C 25 13.16 -12.89 -21.75
CA PHE C 25 13.67 -12.36 -20.49
C PHE C 25 13.42 -13.33 -19.34
N TRP C 26 12.20 -13.87 -19.27
CA TRP C 26 11.86 -14.81 -18.20
C TRP C 26 12.73 -16.05 -18.28
N ASN C 27 12.83 -16.65 -19.46
CA ASN C 27 13.62 -17.87 -19.61
C ASN C 27 15.06 -17.62 -19.22
N THR C 28 15.63 -16.48 -19.60
CA THR C 28 17.03 -16.21 -19.29
C THR C 28 17.22 -16.01 -17.79
N MET C 29 16.35 -15.19 -17.18
CA MET C 29 16.46 -15.00 -15.73
C MET C 29 16.21 -16.29 -14.99
N SER C 30 15.36 -17.16 -15.55
CA SER C 30 15.08 -18.48 -14.97
C SER C 30 16.18 -19.50 -15.28
N GLY C 31 17.15 -19.15 -16.13
CA GLY C 31 18.31 -19.97 -16.35
C GLY C 31 18.15 -21.07 -17.37
N HIS C 32 17.07 -21.05 -18.17
CA HIS C 32 16.79 -22.20 -19.01
C HIS C 32 15.78 -21.84 -20.09
N ASN C 33 16.08 -22.25 -21.33
CA ASN C 33 15.09 -22.23 -22.41
C ASN C 33 14.37 -23.57 -22.42
N PRO C 34 13.09 -23.64 -22.00
CA PRO C 34 12.41 -24.94 -21.89
C PRO C 34 12.26 -25.68 -23.21
N LYS C 35 12.35 -24.99 -24.34
CA LYS C 35 12.17 -25.66 -25.64
C LYS C 35 13.39 -26.49 -26.03
N VAL C 36 14.53 -26.28 -25.36
CA VAL C 36 15.72 -27.05 -25.66
C VAL C 36 15.48 -28.53 -25.32
N LYS C 37 16.10 -29.41 -26.09
CA LYS C 37 15.91 -30.86 -25.93
C LYS C 37 16.88 -31.48 -24.92
N LYS C 38 18.05 -30.90 -24.71
CA LYS C 38 19.05 -31.43 -23.79
C LYS C 38 19.59 -30.29 -22.92
N ALA C 39 19.68 -30.54 -21.62
CA ALA C 39 20.30 -29.56 -20.74
C ALA C 39 20.70 -30.22 -19.43
N VAL C 40 21.71 -29.65 -18.80
CA VAL C 40 22.14 -29.99 -17.46
C VAL C 40 22.12 -28.72 -16.63
N CYS C 41 21.47 -28.75 -15.49
CA CYS C 41 21.39 -27.58 -14.63
C CYS C 41 22.25 -27.78 -13.39
N PRO C 42 23.42 -27.13 -13.31
CA PRO C 42 24.32 -27.40 -12.18
C PRO C 42 23.67 -27.03 -10.86
N SER C 43 23.88 -27.91 -9.88
CA SER C 43 23.31 -27.77 -8.56
C SER C 43 24.16 -26.79 -7.75
N GLY C 44 23.60 -26.30 -6.65
CA GLY C 44 24.39 -25.57 -5.70
C GLY C 44 24.29 -24.05 -5.88
N THR C 45 24.87 -23.37 -4.89
CA THR C 45 24.79 -21.92 -4.77
C THR C 45 26.13 -21.42 -4.27
N PHE C 46 26.49 -20.20 -4.68
CA PHE C 46 27.70 -19.56 -4.18
C PHE C 46 27.42 -18.08 -3.98
N GLU C 47 28.26 -17.45 -3.16
CA GLU C 47 28.15 -16.02 -2.89
C GLU C 47 29.27 -15.29 -3.63
N TYR C 48 28.91 -14.15 -4.22
CA TYR C 48 29.85 -13.37 -5.01
C TYR C 48 29.32 -11.94 -5.01
N GLN C 49 30.16 -11.00 -4.57
CA GLN C 49 29.77 -9.59 -4.52
C GLN C 49 28.51 -9.40 -3.66
N ASN C 50 28.47 -10.02 -2.48
CA ASN C 50 27.44 -9.82 -1.48
C ASN C 50 26.08 -10.41 -1.90
N LEU C 51 26.02 -11.16 -3.00
CA LEU C 51 24.79 -11.75 -3.50
C LEU C 51 24.91 -13.27 -3.59
N GLN C 52 23.78 -13.96 -3.45
CA GLN C 52 23.74 -15.41 -3.62
C GLN C 52 23.40 -15.74 -5.06
N TYR C 53 24.14 -16.68 -5.64
CA TYR C 53 24.07 -17.03 -7.05
C TYR C 53 23.67 -18.49 -7.23
N VAL C 54 23.03 -18.77 -8.37
CA VAL C 54 22.82 -20.11 -8.88
C VAL C 54 23.36 -20.14 -10.29
N TYR C 55 23.55 -21.35 -10.81
CA TYR C 55 24.11 -21.54 -12.14
C TYR C 55 22.99 -21.59 -13.17
N MET C 56 23.24 -20.97 -14.32
CA MET C 56 22.39 -21.18 -15.48
C MET C 56 22.37 -22.66 -15.84
N CYS C 57 21.29 -23.09 -16.50
CA CYS C 57 21.36 -24.40 -17.09
C CYS C 57 22.31 -24.36 -18.30
N SER C 58 22.74 -25.55 -18.72
CA SER C 58 23.83 -25.64 -19.69
C SER C 58 23.47 -24.99 -21.03
N ASP C 59 22.17 -24.98 -21.39
CA ASP C 59 21.76 -24.37 -22.66
C ASP C 59 21.90 -22.85 -22.66
N LEU C 60 22.08 -22.25 -21.50
CA LEU C 60 22.46 -20.84 -21.37
C LEU C 60 23.67 -20.77 -20.47
N GLY C 61 24.55 -21.77 -20.58
CA GLY C 61 25.64 -21.96 -19.65
C GLY C 61 26.84 -21.08 -19.87
N THR C 62 26.90 -20.36 -20.99
CA THR C 62 27.96 -19.42 -21.27
C THR C 62 27.36 -18.08 -21.69
N LYS C 63 28.14 -17.01 -21.53
CA LYS C 63 27.71 -15.72 -22.06
C LYS C 63 27.37 -15.82 -23.55
N ALA C 64 28.20 -16.54 -24.32
CA ALA C 64 27.95 -16.70 -25.74
C ALA C 64 26.60 -17.35 -26.01
N LYS C 65 26.26 -18.40 -25.26
CA LYS C 65 24.98 -19.08 -25.48
C LYS C 65 23.81 -18.17 -25.14
N ALA C 66 23.92 -17.42 -24.04
CA ALA C 66 22.87 -16.48 -23.68
C ALA C 66 22.72 -15.41 -24.75
N VAL C 67 23.84 -14.83 -25.21
CA VAL C 67 23.79 -13.81 -26.26
C VAL C 67 23.11 -14.39 -27.50
N ASN C 68 23.49 -15.61 -27.88
CA ASN C 68 22.89 -16.24 -29.06
C ASN C 68 21.40 -16.44 -28.87
N TYR C 69 20.97 -16.85 -27.68
CA TYR C 69 19.54 -17.01 -27.42
C TYR C 69 18.80 -15.68 -27.51
N LEU C 70 19.41 -14.60 -26.99
CA LEU C 70 18.74 -13.31 -26.89
C LEU C 70 18.81 -12.48 -28.17
N THR C 71 19.78 -12.76 -29.04
CA THR C 71 20.03 -11.92 -30.22
C THR C 71 18.80 -11.68 -31.10
N PRO C 72 17.94 -12.66 -31.38
CA PRO C 72 16.83 -12.39 -32.31
C PRO C 72 15.86 -11.32 -31.83
N ILE C 73 15.77 -11.04 -30.54
CA ILE C 73 14.70 -10.18 -30.02
C ILE C 73 15.20 -8.96 -29.27
N PHE C 74 16.44 -8.95 -28.78
CA PHE C 74 17.00 -7.81 -28.05
C PHE C 74 18.19 -7.25 -28.81
N THR C 75 18.33 -5.91 -28.80
CA THR C 75 19.48 -5.27 -29.43
C THR C 75 20.76 -5.66 -28.70
N LYS C 76 21.88 -5.50 -29.42
CA LYS C 76 23.18 -5.93 -28.91
C LYS C 76 23.50 -5.26 -27.58
N THR C 77 23.20 -3.98 -27.47
CA THR C 77 23.47 -3.25 -26.24
C THR C 77 22.46 -3.58 -25.14
N ALA C 78 21.22 -3.92 -25.50
CA ALA C 78 20.26 -4.35 -24.49
C ALA C 78 20.76 -5.57 -23.74
N ILE C 79 21.27 -6.55 -24.48
CA ILE C 79 21.76 -7.78 -23.89
C ILE C 79 22.90 -7.50 -22.93
N GLU C 80 23.92 -6.74 -23.37
CA GLU C 80 25.07 -6.48 -22.52
C GLU C 80 24.67 -5.68 -21.28
N LYS C 81 23.78 -4.71 -21.43
CA LYS C 81 23.28 -3.98 -20.27
C LYS C 81 22.49 -4.91 -19.36
N GLY C 82 21.73 -5.84 -19.94
CA GLY C 82 20.99 -6.80 -19.13
C GLY C 82 21.90 -7.63 -18.25
N PHE C 83 23.01 -8.13 -18.80
CA PHE C 83 23.99 -8.86 -18.00
C PHE C 83 24.47 -8.02 -16.83
N LYS C 84 24.77 -6.74 -17.08
CA LYS C 84 25.27 -5.87 -16.02
C LYS C 84 24.18 -5.58 -15.00
N ASP C 85 22.99 -5.20 -15.47
CA ASP C 85 21.91 -4.79 -14.58
C ASP C 85 21.52 -5.90 -13.61
N TYR C 86 21.61 -7.15 -14.06
CA TYR C 86 21.17 -8.29 -13.28
C TYR C 86 22.34 -9.09 -12.71
N HIS C 87 23.55 -8.52 -12.75
CA HIS C 87 24.72 -9.02 -12.01
C HIS C 87 25.12 -10.42 -12.44
N PHE C 88 24.88 -10.77 -13.70
CA PHE C 88 25.35 -12.05 -14.23
C PHE C 88 26.86 -12.15 -14.05
N THR C 89 27.34 -13.35 -13.78
CA THR C 89 28.77 -13.59 -13.64
C THR C 89 29.10 -14.96 -14.21
N VAL C 90 30.40 -15.16 -14.43
CA VAL C 90 30.91 -16.46 -14.85
C VAL C 90 31.75 -17.01 -13.71
N SER C 91 31.35 -18.18 -13.20
CA SER C 91 32.05 -18.87 -12.14
C SER C 91 32.44 -20.27 -12.62
N LYS C 92 33.71 -20.64 -12.42
CA LYS C 92 34.21 -21.93 -12.87
C LYS C 92 33.85 -22.17 -14.32
N GLY C 93 34.03 -21.14 -15.14
CA GLY C 93 33.65 -21.19 -16.54
C GLY C 93 32.16 -21.30 -16.82
N LYS C 94 31.31 -21.09 -15.83
CA LYS C 94 29.87 -21.31 -16.01
C LYS C 94 29.10 -20.01 -15.74
N LEU C 95 28.19 -19.68 -16.64
CA LEU C 95 27.33 -18.52 -16.43
C LEU C 95 26.44 -18.73 -15.22
N ALA C 96 26.33 -17.70 -14.38
CA ALA C 96 25.52 -17.74 -13.17
C ALA C 96 24.76 -16.43 -13.03
N VAL C 97 23.70 -16.47 -12.23
CA VAL C 97 22.79 -15.34 -12.04
C VAL C 97 22.36 -15.33 -10.57
N PRO C 98 22.17 -14.17 -9.95
CA PRO C 98 21.73 -14.15 -8.55
C PRO C 98 20.40 -14.87 -8.38
N ILE C 99 20.14 -15.32 -7.16
CA ILE C 99 18.85 -15.88 -6.83
C ILE C 99 17.77 -14.81 -7.04
N GLY C 100 16.66 -15.22 -7.65
CA GLY C 100 15.56 -14.29 -7.92
C GLY C 100 14.29 -15.05 -8.28
N ASP C 101 13.17 -14.35 -8.18
CA ASP C 101 11.87 -14.90 -8.57
C ASP C 101 11.18 -13.95 -9.55
N GLY C 102 10.64 -14.52 -10.62
CA GLY C 102 9.85 -13.75 -11.54
C GLY C 102 8.56 -13.30 -10.89
N ASP C 103 7.78 -12.52 -11.66
CA ASP C 103 6.49 -12.03 -11.20
C ASP C 103 5.62 -11.76 -12.42
N ASN C 104 4.49 -12.47 -12.52
CA ASN C 104 3.60 -12.37 -13.67
C ASN C 104 2.36 -11.51 -13.37
N LEU C 105 2.44 -10.60 -12.40
CA LEU C 105 1.26 -9.80 -12.06
C LEU C 105 0.77 -8.97 -13.25
N LEU C 106 1.67 -8.54 -14.13
CA LEU C 106 1.27 -7.73 -15.28
C LEU C 106 0.77 -8.63 -16.39
N ASN C 107 -0.47 -8.43 -16.81
CA ASN C 107 -1.15 -9.30 -17.79
C ASN C 107 -0.95 -8.73 -19.19
N TRP C 108 0.28 -8.89 -19.68
CA TRP C 108 0.70 -8.27 -20.94
C TRP C 108 -0.16 -8.70 -22.12
N LYS C 109 -0.65 -9.95 -22.13
CA LYS C 109 -1.46 -10.43 -23.25
C LYS C 109 -2.66 -9.52 -23.50
N LYS C 110 -3.23 -8.93 -22.45
CA LYS C 110 -4.42 -8.10 -22.54
C LYS C 110 -4.09 -6.61 -22.54
N SER C 111 -2.83 -6.24 -22.73
CA SER C 111 -2.45 -4.84 -22.71
C SER C 111 -2.86 -4.15 -24.01
N THR C 112 -2.93 -2.83 -23.95
CA THR C 112 -3.14 -1.99 -25.13
C THR C 112 -1.91 -1.12 -25.32
N ALA C 113 -1.63 -0.76 -26.57
CA ALA C 113 -0.42 -0.03 -26.95
C ALA C 113 -0.76 1.33 -27.54
N LYS C 114 0.02 2.34 -27.16
CA LYS C 114 -0.13 3.69 -27.68
C LYS C 114 1.23 4.19 -28.15
N LEU C 115 1.27 4.80 -29.34
CA LEU C 115 2.53 5.26 -29.91
C LEU C 115 3.00 6.54 -29.23
N ILE C 116 4.23 6.53 -28.74
CA ILE C 116 4.80 7.68 -28.04
C ILE C 116 5.75 8.48 -28.93
N SER C 117 6.51 7.79 -29.80
CA SER C 117 7.53 8.41 -30.62
C SER C 117 7.96 7.43 -31.69
N LYS C 118 8.35 7.96 -32.86
CA LYS C 118 8.78 7.18 -34.02
C LYS C 118 9.93 7.93 -34.70
N LYS C 119 11.12 7.85 -34.12
CA LYS C 119 12.29 8.61 -34.56
C LYS C 119 13.19 7.69 -35.39
N GLY C 120 13.01 7.72 -36.72
CA GLY C 120 13.88 7.00 -37.62
C GLY C 120 13.76 5.48 -37.57
N SER C 121 14.80 4.82 -37.04
CA SER C 121 14.81 3.37 -36.91
C SER C 121 14.41 2.90 -35.52
N THR C 122 13.95 3.81 -34.65
CA THR C 122 13.49 3.43 -33.32
C THR C 122 12.08 3.95 -33.10
N ILE C 123 11.22 3.09 -32.56
CA ILE C 123 9.84 3.40 -32.25
C ILE C 123 9.57 3.04 -30.80
N THR C 124 8.91 3.95 -30.07
CA THR C 124 8.59 3.76 -28.66
C THR C 124 7.08 3.69 -28.48
N TYR C 125 6.61 2.57 -27.93
CA TYR C 125 5.22 2.40 -27.53
C TYR C 125 5.10 2.42 -26.00
N GLU C 126 3.99 2.92 -25.52
CA GLU C 126 3.67 2.84 -24.11
C GLU C 126 2.49 1.91 -23.93
N PHE C 127 2.72 0.80 -23.25
CA PHE C 127 1.66 -0.16 -22.99
C PHE C 127 0.97 0.18 -21.68
N THR C 128 -0.35 0.04 -21.69
CA THR C 128 -1.14 0.06 -20.46
C THR C 128 -1.49 -1.39 -20.17
N VAL C 129 -0.87 -1.95 -19.14
CA VAL C 129 -0.88 -3.38 -18.86
C VAL C 129 -1.75 -3.59 -17.62
N PRO C 130 -2.90 -4.26 -17.75
CA PRO C 130 -3.72 -4.53 -16.56
C PRO C 130 -3.06 -5.59 -15.69
N THR C 131 -3.41 -5.56 -14.41
CA THR C 131 -2.88 -6.52 -13.45
C THR C 131 -3.76 -7.76 -13.39
N LEU C 132 -3.20 -8.86 -12.87
CA LEU C 132 -4.02 -10.04 -12.64
C LEU C 132 -4.96 -9.88 -11.45
N ASP C 133 -4.62 -9.04 -10.48
CA ASP C 133 -5.41 -8.96 -9.25
C ASP C 133 -6.34 -7.75 -9.21
N GLY C 134 -6.45 -7.00 -10.31
CA GLY C 134 -7.33 -5.85 -10.36
C GLY C 134 -6.77 -4.60 -9.74
N SER C 135 -5.55 -4.62 -9.20
CA SER C 135 -4.94 -3.37 -8.78
C SER C 135 -4.67 -2.52 -10.01
N PRO C 136 -4.46 -1.20 -9.84
CA PRO C 136 -4.45 -0.30 -11.01
C PRO C 136 -3.44 -0.74 -12.07
N SER C 137 -3.81 -0.48 -13.33
CA SER C 137 -3.00 -0.94 -14.45
C SER C 137 -1.72 -0.13 -14.54
N ALA C 138 -0.67 -0.76 -15.06
CA ALA C 138 0.67 -0.20 -15.08
C ALA C 138 1.02 0.31 -16.47
N LYS C 139 1.80 1.39 -16.52
CA LYS C 139 2.35 1.90 -17.78
C LYS C 139 3.77 1.39 -17.97
N ARG C 140 4.06 0.87 -19.16
CA ARG C 140 5.38 0.31 -19.45
C ARG C 140 5.78 0.72 -20.86
N LYS C 141 6.84 1.51 -20.98
CA LYS C 141 7.33 1.90 -22.30
C LYS C 141 8.29 0.84 -22.84
N VAL C 142 8.14 0.52 -24.13
CA VAL C 142 9.03 -0.40 -24.82
C VAL C 142 9.51 0.30 -26.07
N THR C 143 10.82 0.31 -26.28
CA THR C 143 11.41 0.94 -27.46
C THR C 143 11.93 -0.14 -28.40
N PHE C 144 11.44 -0.13 -29.62
CA PHE C 144 11.83 -1.09 -30.65
C PHE C 144 12.81 -0.42 -31.61
N VAL C 145 13.91 -1.11 -31.90
CA VAL C 145 15.01 -0.58 -32.67
C VAL C 145 15.23 -1.49 -33.87
N LYS C 146 15.57 -0.89 -35.01
CA LYS C 146 15.98 -1.68 -36.16
C LYS C 146 17.43 -2.12 -35.99
N GLU C 147 17.66 -3.42 -36.11
CA GLU C 147 19.01 -3.96 -36.05
C GLU C 147 19.04 -5.23 -36.88
N ASN C 148 20.02 -5.33 -37.79
CA ASN C 148 20.15 -6.48 -38.69
C ASN C 148 18.82 -6.80 -39.38
N LYS C 149 18.14 -5.75 -39.83
CA LYS C 149 16.90 -5.84 -40.62
C LYS C 149 15.71 -6.34 -39.82
N LYS C 150 15.79 -6.37 -38.49
CA LYS C 150 14.69 -6.84 -37.66
C LYS C 150 14.42 -5.84 -36.54
N TRP C 151 13.16 -5.79 -36.11
CA TRP C 151 12.80 -5.00 -34.95
C TRP C 151 13.18 -5.75 -33.68
N LYS C 152 13.94 -5.10 -32.80
CA LYS C 152 14.36 -5.69 -31.54
C LYS C 152 14.08 -4.71 -30.41
N VAL C 153 13.90 -5.25 -29.19
CA VAL C 153 13.67 -4.43 -27.99
C VAL C 153 15.02 -3.99 -27.45
N ASN C 154 15.13 -2.71 -27.07
CA ASN C 154 16.42 -2.18 -26.65
C ASN C 154 16.61 -2.17 -25.13
N GLN C 155 15.73 -2.89 -24.40
CA GLN C 155 15.80 -2.96 -22.95
C GLN C 155 15.53 -4.41 -22.54
N PHE C 156 16.53 -5.07 -21.94
CA PHE C 156 16.40 -6.47 -21.55
C PHE C 156 15.14 -6.72 -20.73
N ASP C 157 14.91 -5.87 -19.73
CA ASP C 157 13.82 -6.05 -18.78
C ASP C 157 12.65 -5.11 -19.04
N ALA C 158 12.35 -4.79 -20.30
CA ALA C 158 11.25 -3.89 -20.59
C ALA C 158 9.89 -4.55 -20.47
N VAL C 159 9.82 -5.86 -20.59
CA VAL C 159 8.55 -6.60 -20.60
C VAL C 159 8.66 -7.74 -19.60
N ILE C 160 7.98 -7.62 -18.46
CA ILE C 160 8.02 -8.65 -17.44
C ILE C 160 6.61 -9.14 -17.12
N SER D 5 9.25 -15.59 17.34
CA SER D 5 10.65 -15.60 16.96
C SER D 5 11.17 -14.16 16.63
N LEU D 6 10.46 -13.50 15.72
CA LEU D 6 10.86 -12.17 15.25
C LEU D 6 10.21 -11.09 16.09
N ASN D 7 10.71 -9.88 15.94
CA ASN D 7 9.98 -8.68 16.36
C ASN D 7 8.91 -8.40 15.31
N VAL D 8 7.69 -8.87 15.58
CA VAL D 8 6.62 -8.79 14.59
C VAL D 8 6.35 -7.34 14.21
N SER D 9 6.14 -6.47 15.21
CA SER D 9 5.81 -5.08 14.92
C SER D 9 6.90 -4.39 14.08
N LYS D 10 8.17 -4.68 14.39
CA LYS D 10 9.24 -4.10 13.60
C LYS D 10 9.26 -4.68 12.19
N LEU D 11 8.99 -5.99 12.05
CA LEU D 11 8.92 -6.59 10.73
C LEU D 11 7.88 -5.90 9.87
N VAL D 12 6.65 -5.81 10.38
CA VAL D 12 5.56 -5.21 9.62
C VAL D 12 5.87 -3.74 9.32
N SER D 13 6.31 -2.98 10.32
CA SER D 13 6.57 -1.58 10.08
C SER D 13 7.74 -1.38 9.11
N ASP D 14 8.77 -2.22 9.21
CA ASP D 14 9.86 -2.16 8.22
C ASP D 14 9.32 -2.44 6.82
N ALA D 15 8.40 -3.40 6.70
CA ALA D 15 7.85 -3.77 5.41
C ALA D 15 6.99 -2.64 4.83
N LYS D 16 6.10 -2.08 5.66
CA LYS D 16 5.20 -1.02 5.20
C LYS D 16 5.97 0.21 4.76
N ALA D 17 7.13 0.46 5.36
CA ALA D 17 7.94 1.58 4.93
C ALA D 17 8.42 1.44 3.50
N LEU D 18 8.35 0.23 2.92
CA LEU D 18 8.86 0.02 1.57
C LEU D 18 7.77 -0.04 0.51
N VAL D 19 6.51 0.16 0.89
CA VAL D 19 5.42 0.23 -0.08
C VAL D 19 5.77 1.21 -1.18
N GLY D 20 5.47 0.82 -2.43
CA GLY D 20 5.82 1.62 -3.57
C GLY D 20 7.18 1.31 -4.19
N THR D 21 8.07 0.59 -3.49
CA THR D 21 9.35 0.22 -4.07
C THR D 21 9.11 -0.59 -5.34
N PRO D 22 9.73 -0.24 -6.47
CA PRO D 22 9.47 -0.96 -7.72
C PRO D 22 9.98 -2.40 -7.69
N TYR D 23 9.50 -3.17 -8.66
CA TYR D 23 9.96 -4.56 -8.83
C TYR D 23 11.32 -4.62 -9.50
N LYS D 24 12.13 -5.59 -9.10
CA LYS D 24 13.28 -5.99 -9.90
C LYS D 24 13.56 -7.46 -9.63
N TRP D 25 13.62 -8.23 -10.70
CA TRP D 25 13.94 -9.65 -10.60
C TRP D 25 15.30 -9.82 -9.93
N GLY D 26 15.34 -10.64 -8.88
CA GLY D 26 16.50 -10.74 -8.01
C GLY D 26 16.67 -9.60 -7.03
N GLY D 27 15.75 -8.64 -7.02
CA GLY D 27 15.97 -7.41 -6.28
C GLY D 27 16.05 -7.65 -4.78
N THR D 28 17.10 -7.13 -4.16
CA THR D 28 17.30 -7.25 -2.71
C THR D 28 17.55 -5.90 -2.06
N THR D 29 17.38 -4.80 -2.79
CA THR D 29 17.69 -3.47 -2.28
C THR D 29 16.49 -2.55 -2.45
N THR D 30 16.55 -1.40 -1.76
CA THR D 30 15.47 -0.42 -1.83
C THR D 30 15.30 0.18 -3.22
N SER D 31 16.21 -0.12 -4.16
CA SER D 31 16.00 0.29 -5.54
C SER D 31 15.12 -0.68 -6.32
N GLY D 32 14.85 -1.86 -5.79
CA GLY D 32 14.01 -2.84 -6.46
C GLY D 32 14.02 -4.17 -5.74
N PHE D 33 12.85 -4.74 -5.52
CA PHE D 33 12.70 -6.01 -4.84
C PHE D 33 11.94 -6.98 -5.73
N ASP D 34 12.26 -8.26 -5.62
CA ASP D 34 11.30 -9.28 -5.99
C ASP D 34 10.66 -9.83 -4.71
N CYS D 35 9.71 -10.76 -4.87
CA CYS D 35 8.87 -11.09 -3.73
C CYS D 35 9.67 -11.73 -2.61
N SER D 36 10.62 -12.61 -2.96
CA SER D 36 11.48 -13.24 -1.96
C SER D 36 12.59 -12.29 -1.51
N GLY D 37 13.13 -11.48 -2.42
CA GLY D 37 14.15 -10.52 -2.02
C GLY D 37 13.62 -9.49 -1.04
N PHE D 38 12.33 -9.13 -1.17
CA PHE D 38 11.65 -8.26 -0.22
C PHE D 38 11.59 -8.90 1.16
N ILE D 39 11.12 -10.16 1.21
CA ILE D 39 11.08 -10.95 2.45
C ILE D 39 12.45 -10.94 3.12
N TRP D 40 13.48 -11.27 2.33
CA TRP D 40 14.83 -11.35 2.87
C TRP D 40 15.29 -10.01 3.43
N TYR D 41 15.06 -8.94 2.66
CA TYR D 41 15.53 -7.62 3.09
C TYR D 41 14.93 -7.24 4.43
N VAL D 42 13.62 -7.47 4.59
CA VAL D 42 12.93 -7.08 5.82
C VAL D 42 13.37 -7.96 6.98
N LEU D 43 13.47 -9.28 6.75
CA LEU D 43 13.98 -10.17 7.79
C LEU D 43 15.40 -9.79 8.18
N ASN D 44 16.24 -9.44 7.20
CA ASN D 44 17.64 -9.20 7.48
C ASN D 44 17.88 -7.94 8.31
N LYS D 45 16.89 -7.07 8.46
CA LYS D 45 16.99 -5.93 9.36
C LYS D 45 16.85 -6.33 10.82
N GLN D 46 16.58 -7.59 11.10
CA GLN D 46 16.33 -8.10 12.44
C GLN D 46 17.22 -9.25 12.83
N THR D 47 17.58 -10.10 11.88
CA THR D 47 18.29 -11.34 12.18
C THR D 47 18.97 -11.79 10.91
N SER D 48 19.90 -12.72 11.06
CA SER D 48 20.61 -13.24 9.91
C SER D 48 19.76 -14.30 9.24
N VAL D 49 19.46 -14.09 7.97
CA VAL D 49 18.67 -15.02 7.18
C VAL D 49 19.30 -15.06 5.80
N GLY D 50 19.47 -16.27 5.27
CA GLY D 50 20.02 -16.40 3.93
C GLY D 50 19.01 -15.98 2.87
N ARG D 51 19.52 -15.35 1.82
CA ARG D 51 18.70 -14.95 0.69
C ARG D 51 18.44 -16.17 -0.17
N THR D 52 17.19 -16.62 -0.22
CA THR D 52 16.76 -17.72 -1.06
C THR D 52 15.57 -17.27 -1.90
N SER D 53 15.12 -18.16 -2.77
CA SER D 53 13.89 -17.96 -3.51
C SER D 53 12.67 -18.22 -2.62
N THR D 54 11.49 -17.97 -3.19
CA THR D 54 10.22 -18.32 -2.56
C THR D 54 10.13 -19.81 -2.26
N ALA D 55 10.54 -20.65 -3.21
CA ALA D 55 10.61 -22.08 -2.94
C ALA D 55 11.52 -22.37 -1.76
N GLY D 56 12.67 -21.69 -1.71
CA GLY D 56 13.56 -21.81 -0.58
C GLY D 56 12.89 -21.50 0.74
N TYR D 57 12.13 -20.40 0.80
CA TYR D 57 11.46 -20.05 2.05
C TYR D 57 10.31 -21.02 2.35
N TRP D 58 9.63 -21.50 1.31
CA TRP D 58 8.63 -22.54 1.53
C TRP D 58 9.26 -23.77 2.19
N SER D 59 10.52 -24.06 1.82
CA SER D 59 11.25 -25.21 2.36
C SER D 59 11.82 -24.95 3.75
N SER D 60 12.21 -23.72 4.06
CA SER D 60 12.90 -23.44 5.31
C SER D 60 11.98 -22.91 6.42
N MET D 61 10.78 -22.49 6.10
CA MET D 61 9.87 -21.96 7.10
C MET D 61 9.00 -23.08 7.65
N LYS D 62 8.32 -22.81 8.75
CA LYS D 62 7.62 -23.84 9.50
C LYS D 62 6.13 -23.77 9.21
N SER D 63 5.56 -24.91 8.85
CA SER D 63 4.15 -24.97 8.51
C SER D 63 3.28 -24.59 9.70
N ILE D 64 2.25 -23.79 9.45
CA ILE D 64 1.25 -23.43 10.46
C ILE D 64 -0.12 -23.48 9.81
N ALA D 65 -1.15 -23.62 10.65
CA ALA D 65 -2.50 -23.81 10.15
C ALA D 65 -3.14 -22.52 9.67
N SER D 66 -2.77 -21.37 10.25
CA SER D 66 -3.31 -20.09 9.80
C SER D 66 -2.33 -19.00 10.20
N PRO D 67 -2.23 -17.91 9.43
CA PRO D 67 -1.21 -16.90 9.73
C PRO D 67 -1.57 -16.03 10.93
N SER D 68 -0.55 -15.68 11.69
CA SER D 68 -0.58 -14.52 12.56
C SER D 68 0.22 -13.39 11.91
N VAL D 69 0.06 -12.19 12.44
CA VAL D 69 0.81 -11.05 11.92
C VAL D 69 2.29 -11.37 11.98
N GLY D 70 3.00 -11.06 10.90
CA GLY D 70 4.41 -11.36 10.79
C GLY D 70 4.73 -12.73 10.24
N ASP D 71 3.72 -13.58 10.01
CA ASP D 71 3.92 -14.82 9.29
C ASP D 71 3.91 -14.56 7.78
N PHE D 72 4.13 -15.63 7.02
CA PHE D 72 4.39 -15.52 5.59
C PHE D 72 3.35 -16.29 4.82
N VAL D 73 2.80 -15.67 3.78
CA VAL D 73 1.73 -16.25 2.99
C VAL D 73 2.27 -16.56 1.61
N PHE D 74 1.83 -17.69 1.05
CA PHE D 74 2.38 -18.20 -0.20
C PHE D 74 1.24 -18.39 -1.19
N PHE D 75 1.56 -18.20 -2.47
CA PHE D 75 0.59 -18.24 -3.56
C PHE D 75 1.20 -18.95 -4.77
N THR D 76 0.35 -19.57 -5.58
CA THR D 76 0.74 -20.06 -6.90
C THR D 76 0.30 -19.05 -7.95
N THR D 77 1.26 -18.54 -8.72
CA THR D 77 0.97 -17.55 -9.75
C THR D 77 1.37 -18.08 -11.12
N TYR D 78 2.63 -17.90 -11.53
CA TYR D 78 3.02 -18.27 -12.89
C TYR D 78 3.28 -19.77 -13.07
N LYS D 79 3.43 -20.52 -12.00
CA LYS D 79 3.54 -21.97 -12.09
C LYS D 79 2.85 -22.58 -10.87
N SER D 80 2.55 -23.88 -10.97
CA SER D 80 1.97 -24.60 -9.84
C SER D 80 2.90 -24.55 -8.64
N GLY D 81 2.30 -24.50 -7.45
CA GLY D 81 3.08 -24.50 -6.24
C GLY D 81 3.50 -23.10 -5.88
N PRO D 82 4.28 -22.98 -4.80
CA PRO D 82 4.62 -21.65 -4.27
C PRO D 82 5.54 -20.86 -5.18
N SER D 83 4.97 -19.95 -5.95
CA SER D 83 5.77 -19.07 -6.81
C SER D 83 5.67 -17.59 -6.42
N HIS D 84 4.95 -17.27 -5.35
CA HIS D 84 4.85 -15.89 -4.88
C HIS D 84 4.65 -15.93 -3.38
N MET D 85 5.07 -14.85 -2.69
CA MET D 85 4.90 -14.82 -1.24
C MET D 85 4.87 -13.38 -0.74
N GLY D 86 4.39 -13.24 0.49
CA GLY D 86 4.34 -11.96 1.16
C GLY D 86 4.30 -12.17 2.66
N ILE D 87 4.08 -11.08 3.38
CA ILE D 87 4.00 -11.08 4.84
C ILE D 87 2.56 -10.77 5.24
N TYR D 88 1.98 -11.62 6.09
CA TYR D 88 0.65 -11.33 6.61
C TYR D 88 0.76 -10.18 7.60
N ILE D 89 0.00 -9.11 7.37
CA ILE D 89 0.07 -7.92 8.21
C ILE D 89 -1.19 -7.72 9.04
N GLY D 90 -2.07 -8.71 9.06
CA GLY D 90 -3.29 -8.62 9.85
C GLY D 90 -4.47 -8.13 9.05
N ASN D 91 -5.66 -8.32 9.62
CA ASN D 91 -6.91 -7.90 8.98
C ASN D 91 -6.99 -8.44 7.57
N ASN D 92 -6.61 -9.71 7.41
CA ASN D 92 -6.78 -10.43 6.16
C ASN D 92 -6.05 -9.77 5.00
N SER D 93 -4.93 -9.11 5.30
CA SER D 93 -4.17 -8.38 4.30
C SER D 93 -2.71 -8.82 4.34
N PHE D 94 -2.02 -8.66 3.21
CA PHE D 94 -0.62 -9.02 3.14
C PHE D 94 0.14 -8.02 2.28
N ILE D 95 1.40 -7.86 2.59
CA ILE D 95 2.29 -6.96 1.87
C ILE D 95 3.29 -7.81 1.10
N HIS D 96 3.60 -7.39 -0.12
CA HIS D 96 4.41 -8.24 -0.99
C HIS D 96 4.92 -7.41 -2.14
N ALA D 97 6.05 -7.84 -2.71
CA ALA D 97 6.67 -7.18 -3.84
C ALA D 97 6.23 -7.93 -5.09
N GLY D 98 5.29 -7.35 -5.83
CA GLY D 98 4.88 -7.86 -7.11
C GLY D 98 5.50 -7.07 -8.25
N SER D 99 5.04 -7.39 -9.48
CA SER D 99 5.64 -6.80 -10.67
C SER D 99 5.47 -5.29 -10.72
N ASP D 100 4.45 -4.75 -10.06
CA ASP D 100 4.26 -3.30 -10.00
C ASP D 100 4.75 -2.72 -8.68
N GLY D 101 5.70 -3.38 -8.02
CA GLY D 101 6.28 -2.87 -6.80
C GLY D 101 5.63 -3.46 -5.56
N VAL D 102 6.20 -3.07 -4.42
CA VAL D 102 5.66 -3.47 -3.12
C VAL D 102 4.27 -2.87 -2.97
N GLN D 103 3.27 -3.73 -2.72
CA GLN D 103 1.90 -3.30 -2.55
C GLN D 103 1.28 -4.06 -1.39
N ILE D 104 0.06 -3.70 -1.02
CA ILE D 104 -0.70 -4.40 0.00
C ILE D 104 -2.00 -4.85 -0.62
N SER D 105 -2.35 -6.13 -0.42
CA SER D 105 -3.50 -6.74 -1.06
C SER D 105 -4.32 -7.50 -0.04
N SER D 106 -5.55 -7.84 -0.40
CA SER D 106 -6.44 -8.59 0.48
C SER D 106 -6.40 -10.08 0.14
N LEU D 107 -6.37 -10.91 1.17
CA LEU D 107 -6.46 -12.36 1.00
C LEU D 107 -7.79 -12.82 0.43
N ASN D 108 -8.84 -12.00 0.46
CA ASN D 108 -10.09 -12.34 -0.19
C ASN D 108 -10.22 -11.72 -1.58
N ASN D 109 -9.16 -11.08 -2.09
CA ASN D 109 -9.11 -10.72 -3.50
C ASN D 109 -9.41 -11.94 -4.36
N SER D 110 -10.25 -11.75 -5.39
CA SER D 110 -10.75 -12.89 -6.16
C SER D 110 -9.65 -13.55 -6.99
N TYR D 111 -8.52 -12.87 -7.18
CA TYR D 111 -7.36 -13.51 -7.79
C TYR D 111 -6.49 -14.21 -6.76
N TRP D 112 -6.13 -13.52 -5.67
CA TRP D 112 -5.21 -14.11 -4.70
C TRP D 112 -5.86 -15.25 -3.93
N LYS D 113 -7.14 -15.14 -3.60
CA LYS D 113 -7.75 -16.11 -2.69
C LYS D 113 -7.71 -17.53 -3.22
N PRO D 114 -8.19 -17.84 -4.44
CA PRO D 114 -8.07 -19.23 -4.92
C PRO D 114 -6.62 -19.68 -5.12
N ARG D 115 -5.66 -18.77 -5.14
CA ARG D 115 -4.26 -19.14 -5.35
C ARG D 115 -3.46 -19.19 -4.04
N TYR D 116 -4.11 -18.93 -2.92
CA TYR D 116 -3.45 -18.98 -1.61
C TYR D 116 -3.07 -20.42 -1.26
N LEU D 117 -1.82 -20.64 -0.87
CA LEU D 117 -1.33 -21.98 -0.58
C LEU D 117 -1.14 -22.26 0.90
N GLY D 118 -1.34 -21.27 1.75
CA GLY D 118 -1.15 -21.42 3.18
C GLY D 118 -0.07 -20.50 3.69
N ALA D 119 0.16 -20.58 4.99
CA ALA D 119 1.10 -19.71 5.67
C ALA D 119 2.18 -20.55 6.34
N LYS D 120 3.35 -19.94 6.52
CA LYS D 120 4.44 -20.56 7.26
C LYS D 120 5.08 -19.52 8.15
N ARG D 121 5.68 -19.98 9.24
CA ARG D 121 6.30 -19.12 10.23
C ARG D 121 7.82 -19.20 10.10
N PHE D 122 8.48 -18.04 10.21
CA PHE D 122 9.93 -18.04 10.17
C PHE D 122 10.50 -18.74 11.39
#